data_1TF9
#
_entry.id   1TF9
#
_cell.length_a   61.053
_cell.length_b   61.053
_cell.length_c   144.502
_cell.angle_alpha   90.00
_cell.angle_beta   90.00
_cell.angle_gamma   90.00
#
_symmetry.space_group_name_H-M   'P 41 21 2'
#
loop_
_entity.id
_entity.type
_entity.pdbx_description
1 polymer Aminopeptidase
2 non-polymer 'ZINC ION'
3 non-polymer 'CALCIUM ION'
4 non-polymer IODO-PHENYLALANINE
5 water water
#
_entity_poly.entity_id   1
_entity_poly.type   'polypeptide(L)'
_entity_poly.pdbx_seq_one_letter_code
;APDIPLANVKAHLTQLSTIAANNGGNRAHGRPGYKASVDYVKAKLDAAGYTTTLQQFTSGGATGYNLIANWPGGDPNKVL
MAGAHLDSVSSGAGINDNGSGSAAVLETALAVSRAGYQPDKHLRFAWWGAEELGLIGSKFYVNNLPSADRSKLAGYLNFD
MIGSPNPGYFVYDDDPVIEKTFKNYFAGLNVPTEIETEGDGRSDHAPFKNVGVPVGGLFTGAGYTKSAAQAQKWGGTAGQ
AFDRCYHSSCDSLSNINDTALDRNSDAAAHAIWTLSSGTGEPPT
;
_entity_poly.pdbx_strand_id   A
#
# COMPACT_ATOMS: atom_id res chain seq x y z
N ALA A 1 -8.40 -9.18 -14.30
CA ALA A 1 -8.34 -8.99 -12.85
C ALA A 1 -9.76 -8.76 -12.34
N PRO A 2 -10.05 -9.15 -11.11
CA PRO A 2 -11.35 -8.83 -10.54
C PRO A 2 -11.41 -7.35 -10.19
N ASP A 3 -12.63 -6.83 -10.10
N ASP A 3 -12.67 -6.92 -10.14
CA ASP A 3 -12.99 -5.54 -9.54
CA ASP A 3 -12.88 -5.68 -9.44
C ASP A 3 -12.96 -5.63 -8.01
C ASP A 3 -12.57 -5.94 -7.97
N ILE A 4 -12.10 -4.91 -7.29
CA ILE A 4 -11.95 -5.01 -5.83
C ILE A 4 -13.15 -4.35 -5.20
N PRO A 5 -13.93 -5.01 -4.36
CA PRO A 5 -15.11 -4.35 -3.80
C PRO A 5 -14.75 -3.24 -2.84
N LEU A 6 -15.17 -2.03 -3.14
CA LEU A 6 -14.86 -0.86 -2.31
C LEU A 6 -15.30 -1.11 -0.88
N ALA A 7 -16.47 -1.71 -0.69
CA ALA A 7 -16.99 -1.93 0.67
C ALA A 7 -16.03 -2.81 1.48
N ASN A 8 -15.36 -3.77 0.81
CA ASN A 8 -14.46 -4.67 1.54
C ASN A 8 -13.23 -3.88 1.99
N VAL A 9 -12.73 -2.99 1.15
CA VAL A 9 -11.58 -2.16 1.50
C VAL A 9 -11.93 -1.26 2.65
N LYS A 10 -13.10 -0.61 2.57
CA LYS A 10 -13.59 0.28 3.64
C LYS A 10 -13.75 -0.50 4.95
N ALA A 11 -14.14 -1.77 4.89
CA ALA A 11 -14.34 -2.55 6.11
C ALA A 11 -12.98 -2.78 6.76
N HIS A 12 -11.89 -3.02 5.98
CA HIS A 12 -10.57 -3.14 6.61
C HIS A 12 -10.22 -1.83 7.30
N LEU A 13 -10.54 -0.69 6.66
CA LEU A 13 -10.26 0.60 7.32
C LEU A 13 -11.05 0.73 8.61
N THR A 14 -12.31 0.33 8.64
CA THR A 14 -13.06 0.38 9.90
C THR A 14 -12.37 -0.44 10.98
N GLN A 15 -11.87 -1.63 10.61
CA GLN A 15 -11.19 -2.45 11.62
C GLN A 15 -9.94 -1.75 12.12
N LEU A 16 -9.15 -1.14 11.24
CA LEU A 16 -7.95 -0.42 11.68
C LEU A 16 -8.33 0.77 12.53
N SER A 17 -9.43 1.45 12.23
CA SER A 17 -9.89 2.58 13.04
C SER A 17 -10.24 2.11 14.45
N THR A 18 -10.96 1.00 14.55
CA THR A 18 -11.30 0.44 15.88
C THR A 18 -10.04 0.00 16.60
N ILE A 19 -9.09 -0.64 15.88
CA ILE A 19 -7.82 -1.01 16.52
C ILE A 19 -7.13 0.20 17.08
N ALA A 20 -7.07 1.31 16.33
CA ALA A 20 -6.45 2.53 16.89
C ALA A 20 -7.17 3.01 18.15
N ALA A 21 -8.51 3.07 18.09
CA ALA A 21 -9.29 3.53 19.25
C ALA A 21 -9.09 2.65 20.48
N ASN A 22 -8.92 1.36 20.25
CA ASN A 22 -8.72 0.40 21.36
C ASN A 22 -7.29 0.40 21.91
N ASN A 23 -6.40 1.12 21.23
CA ASN A 23 -4.97 1.13 21.58
C ASN A 23 -4.39 2.51 21.60
N GLY A 24 -5.01 3.37 22.39
CA GLY A 24 -4.45 4.67 22.65
C GLY A 24 -4.57 5.68 21.55
N GLY A 25 -5.33 5.39 20.48
CA GLY A 25 -5.54 6.37 19.43
C GLY A 25 -4.62 6.27 18.23
N ASN A 26 -3.76 5.26 18.14
CA ASN A 26 -2.81 5.19 17.04
C ASN A 26 -2.43 3.75 16.72
N ARG A 27 -1.69 3.59 15.62
CA ARG A 27 -1.17 2.29 15.18
C ARG A 27 0.32 2.47 14.93
N ALA A 28 1.04 3.13 15.85
CA ALA A 28 2.42 3.47 15.62
C ALA A 28 3.43 2.42 16.06
N HIS A 29 4.62 2.39 15.44
CA HIS A 29 5.69 1.52 15.82
C HIS A 29 5.96 1.59 17.33
N GLY A 30 6.13 0.43 17.95
CA GLY A 30 6.47 0.32 19.37
C GLY A 30 5.24 0.47 20.25
N ARG A 31 4.04 0.64 19.68
CA ARG A 31 2.80 0.82 20.42
C ARG A 31 1.84 -0.30 20.05
N PRO A 32 0.98 -0.70 20.96
CA PRO A 32 0.17 -1.91 20.75
C PRO A 32 -0.76 -1.82 19.57
N GLY A 33 -1.15 -0.61 19.11
CA GLY A 33 -2.02 -0.57 17.91
C GLY A 33 -1.31 -1.05 16.68
N TYR A 34 0.03 -1.04 16.61
CA TYR A 34 0.70 -1.52 15.39
C TYR A 34 0.63 -3.05 15.35
N LYS A 35 1.10 -3.72 16.42
CA LYS A 35 1.02 -5.19 16.41
C LYS A 35 -0.43 -5.66 16.26
N ALA A 36 -1.43 -5.01 16.81
CA ALA A 36 -2.82 -5.40 16.65
C ALA A 36 -3.23 -5.28 15.19
N SER A 37 -2.74 -4.27 14.47
CA SER A 37 -2.97 -4.13 13.04
C SER A 37 -2.36 -5.31 12.28
N VAL A 38 -1.13 -5.66 12.62
CA VAL A 38 -0.49 -6.84 12.02
C VAL A 38 -1.31 -8.08 12.24
N ASP A 39 -1.81 -8.26 13.49
CA ASP A 39 -2.55 -9.47 13.81
C ASP A 39 -3.83 -9.58 12.97
N TYR A 40 -4.52 -8.48 12.77
CA TYR A 40 -5.75 -8.47 11.95
C TYR A 40 -5.46 -8.91 10.54
N VAL A 41 -4.46 -8.25 9.92
CA VAL A 41 -4.13 -8.50 8.52
C VAL A 41 -3.67 -9.96 8.35
N LYS A 42 -2.80 -10.42 9.25
CA LYS A 42 -2.25 -11.77 9.15
C LYS A 42 -3.37 -12.80 9.25
N ALA A 43 -4.36 -12.63 10.12
CA ALA A 43 -5.40 -13.64 10.31
C ALA A 43 -6.20 -13.75 9.01
N LYS A 44 -6.48 -12.63 8.35
CA LYS A 44 -7.25 -12.72 7.10
C LYS A 44 -6.48 -13.50 6.06
N LEU A 45 -5.15 -13.23 5.97
CA LEU A 45 -4.33 -13.92 4.98
C LEU A 45 -4.19 -15.39 5.28
N ASP A 46 -4.01 -15.73 6.54
CA ASP A 46 -3.83 -17.14 6.90
C ASP A 46 -5.07 -17.93 6.51
N ALA A 47 -6.23 -17.33 6.78
CA ALA A 47 -7.47 -18.03 6.49
C ALA A 47 -7.67 -18.19 5.00
N ALA A 48 -7.11 -17.29 4.19
CA ALA A 48 -7.25 -17.40 2.73
C ALA A 48 -6.24 -18.33 2.09
N GLY A 49 -5.26 -18.88 2.86
CA GLY A 49 -4.37 -19.86 2.31
C GLY A 49 -2.95 -19.34 2.13
N TYR A 50 -2.64 -18.10 2.50
CA TYR A 50 -1.27 -17.59 2.36
C TYR A 50 -0.32 -18.27 3.33
N THR A 51 0.98 -18.31 2.98
CA THR A 51 2.04 -18.68 3.91
C THR A 51 2.58 -17.38 4.48
N THR A 52 2.33 -17.10 5.74
CA THR A 52 2.73 -15.78 6.25
C THR A 52 3.94 -15.92 7.15
N THR A 53 4.71 -14.85 7.19
CA THR A 53 5.93 -14.73 8.00
C THR A 53 5.90 -13.41 8.77
N LEU A 54 6.12 -13.48 10.06
CA LEU A 54 6.31 -12.26 10.85
C LEU A 54 7.79 -12.00 10.93
N GLN A 55 8.31 -10.95 10.31
CA GLN A 55 9.73 -10.60 10.31
C GLN A 55 9.92 -9.53 11.39
N GLN A 56 10.62 -9.89 12.44
CA GLN A 56 10.84 -9.01 13.57
C GLN A 56 12.14 -8.21 13.44
N PHE A 57 12.13 -6.98 13.93
CA PHE A 57 13.32 -6.14 13.97
C PHE A 57 13.20 -5.27 15.22
N THR A 58 14.29 -4.61 15.57
CA THR A 58 14.26 -3.70 16.69
C THR A 58 14.71 -2.32 16.22
N SER A 59 13.90 -1.33 16.57
CA SER A 59 14.28 0.01 16.15
C SER A 59 13.91 0.92 17.28
N GLY A 60 14.79 1.80 17.71
CA GLY A 60 14.38 2.73 18.76
C GLY A 60 14.10 2.00 20.05
N GLY A 61 14.76 0.88 20.28
CA GLY A 61 14.56 0.15 21.52
C GLY A 61 13.28 -0.63 21.57
N ALA A 62 12.51 -0.67 20.47
CA ALA A 62 11.19 -1.30 20.48
C ALA A 62 11.08 -2.33 19.34
N THR A 63 10.38 -3.42 19.60
CA THR A 63 10.20 -4.40 18.55
C THR A 63 9.26 -3.93 17.45
N GLY A 64 9.71 -4.10 16.22
CA GLY A 64 8.85 -3.84 15.08
C GLY A 64 8.65 -5.13 14.30
N TYR A 65 7.69 -5.07 13.37
CA TYR A 65 7.33 -6.22 12.57
C TYR A 65 7.03 -5.82 11.12
N ASN A 66 7.48 -6.66 10.20
CA ASN A 66 6.95 -6.64 8.86
C ASN A 66 6.10 -7.93 8.72
N LEU A 67 5.01 -7.87 7.96
CA LEU A 67 4.20 -9.07 7.71
C LEU A 67 4.36 -9.41 6.23
N ILE A 68 4.87 -10.60 5.97
CA ILE A 68 5.14 -11.08 4.60
C ILE A 68 4.15 -12.20 4.28
N ALA A 69 3.55 -12.22 3.10
CA ALA A 69 2.51 -13.20 2.79
C ALA A 69 2.82 -13.73 1.38
N ASN A 70 3.22 -15.01 1.34
CA ASN A 70 3.52 -15.65 0.07
C ASN A 70 2.34 -16.50 -0.39
N TRP A 71 1.92 -16.29 -1.63
CA TRP A 71 0.84 -17.12 -2.19
C TRP A 71 1.49 -18.39 -2.75
N PRO A 72 1.19 -19.53 -2.20
CA PRO A 72 1.90 -20.75 -2.66
C PRO A 72 1.79 -20.97 -4.15
N GLY A 73 2.92 -21.34 -4.76
CA GLY A 73 2.94 -21.64 -6.18
C GLY A 73 3.67 -20.58 -6.98
N GLY A 74 3.65 -20.75 -8.31
CA GLY A 74 4.28 -19.75 -9.17
C GLY A 74 5.75 -20.02 -9.32
N ASP A 75 6.37 -19.32 -10.29
CA ASP A 75 7.78 -19.47 -10.58
C ASP A 75 8.65 -18.91 -9.47
N PRO A 76 9.41 -19.74 -8.76
CA PRO A 76 10.21 -19.17 -7.65
C PRO A 76 11.23 -18.18 -8.16
N ASN A 77 11.59 -18.24 -9.43
CA ASN A 77 12.62 -17.33 -9.92
C ASN A 77 12.05 -16.02 -10.41
N LYS A 78 10.73 -15.84 -10.37
CA LYS A 78 10.09 -14.61 -10.86
C LYS A 78 9.02 -14.24 -9.85
N VAL A 79 9.38 -13.38 -8.89
CA VAL A 79 8.53 -13.01 -7.78
C VAL A 79 8.03 -11.59 -7.96
N LEU A 80 6.71 -11.43 -7.90
CA LEU A 80 6.14 -10.08 -7.97
C LEU A 80 5.68 -9.72 -6.57
N MET A 81 6.17 -8.59 -6.06
CA MET A 81 5.77 -8.14 -4.73
C MET A 81 4.90 -6.89 -4.78
N ALA A 82 4.01 -6.77 -3.83
CA ALA A 82 3.24 -5.54 -3.60
C ALA A 82 3.19 -5.29 -2.13
N GLY A 83 3.25 -4.01 -1.74
CA GLY A 83 3.25 -3.74 -0.31
C GLY A 83 2.79 -2.35 0.02
N ALA A 84 2.75 -2.12 1.35
CA ALA A 84 2.16 -0.92 1.92
C ALA A 84 2.60 -0.82 3.36
N HIS A 85 2.98 0.37 3.84
CA HIS A 85 3.31 0.40 5.29
C HIS A 85 2.02 0.37 6.14
N LEU A 86 2.13 -0.39 7.21
CA LEU A 86 0.97 -0.60 8.09
C LEU A 86 1.06 0.20 9.36
N ASP A 87 2.15 0.95 9.58
CA ASP A 87 2.21 1.80 10.75
C ASP A 87 1.60 3.18 10.47
N SER A 88 1.17 3.81 11.54
CA SER A 88 0.78 5.21 11.52
C SER A 88 1.75 6.04 12.35
N VAL A 89 1.68 7.35 12.21
CA VAL A 89 2.29 8.23 13.24
C VAL A 89 1.50 8.08 14.54
N SER A 90 2.06 8.54 15.64
CA SER A 90 1.35 8.38 16.92
C SER A 90 0.28 9.42 17.15
N SER A 91 0.14 10.46 16.30
CA SER A 91 -0.95 11.40 16.53
C SER A 91 -2.33 10.85 16.20
N GLY A 92 -2.46 9.74 15.45
CA GLY A 92 -3.81 9.32 15.08
C GLY A 92 -3.81 7.94 14.45
N ALA A 93 -4.98 7.62 13.87
CA ALA A 93 -5.21 6.27 13.41
C ALA A 93 -4.55 6.00 12.07
N GLY A 94 -4.05 6.99 11.35
CA GLY A 94 -3.40 6.73 10.06
C GLY A 94 -4.30 6.02 9.08
N ILE A 95 -5.54 6.49 8.92
CA ILE A 95 -6.46 5.77 8.02
C ILE A 95 -6.10 6.01 6.57
N ASN A 96 -5.88 7.24 6.09
CA ASN A 96 -5.34 7.43 4.74
C ASN A 96 -3.86 7.07 4.71
N ASP A 97 -3.11 7.48 5.75
CA ASP A 97 -1.67 7.23 5.79
C ASP A 97 -1.38 6.21 6.89
N ASN A 98 -1.35 4.90 6.66
CA ASN A 98 -1.55 4.31 5.35
C ASN A 98 -2.43 3.08 5.46
N GLY A 99 -3.52 3.25 6.22
CA GLY A 99 -4.58 2.24 6.17
C GLY A 99 -5.03 2.08 4.72
N SER A 100 -5.14 3.16 3.94
CA SER A 100 -5.67 3.05 2.57
C SER A 100 -4.84 2.08 1.76
N GLY A 101 -3.52 2.23 1.69
CA GLY A 101 -2.72 1.29 0.88
C GLY A 101 -2.73 -0.08 1.51
N SER A 102 -2.67 -0.18 2.84
CA SER A 102 -2.66 -1.46 3.52
C SER A 102 -3.92 -2.28 3.22
N ALA A 103 -5.07 -1.61 3.21
CA ALA A 103 -6.34 -2.26 2.96
C ALA A 103 -6.48 -2.67 1.51
N ALA A 104 -5.97 -1.85 0.57
CA ALA A 104 -6.07 -2.20 -0.84
C ALA A 104 -5.22 -3.41 -1.11
N VAL A 105 -4.00 -3.47 -0.54
CA VAL A 105 -3.12 -4.60 -0.76
C VAL A 105 -3.71 -5.83 -0.13
N LEU A 106 -4.24 -5.71 1.10
CA LEU A 106 -4.87 -6.88 1.71
C LEU A 106 -6.03 -7.38 0.85
N GLU A 107 -6.90 -6.47 0.37
CA GLU A 107 -8.09 -6.95 -0.35
C GLU A 107 -7.64 -7.53 -1.68
N THR A 108 -6.59 -7.02 -2.31
CA THR A 108 -6.10 -7.66 -3.52
C THR A 108 -5.59 -9.07 -3.21
N ALA A 109 -4.87 -9.27 -2.12
CA ALA A 109 -4.38 -10.62 -1.74
C ALA A 109 -5.57 -11.54 -1.50
N LEU A 110 -6.60 -11.04 -0.82
CA LEU A 110 -7.79 -11.93 -0.61
C LEU A 110 -8.48 -12.22 -1.91
N ALA A 111 -8.52 -11.24 -2.85
CA ALA A 111 -9.11 -11.46 -4.17
C ALA A 111 -8.40 -12.54 -4.97
N VAL A 112 -7.07 -12.65 -4.83
CA VAL A 112 -6.32 -13.71 -5.51
C VAL A 112 -6.89 -15.07 -5.09
N SER A 113 -7.08 -15.23 -3.77
CA SER A 113 -7.59 -16.50 -3.27
C SER A 113 -9.04 -16.75 -3.68
N ARG A 114 -9.86 -15.69 -3.60
CA ARG A 114 -11.29 -15.82 -4.00
C ARG A 114 -11.45 -16.21 -5.46
N ALA A 115 -10.54 -15.72 -6.30
CA ALA A 115 -10.62 -15.96 -7.74
C ALA A 115 -10.01 -17.30 -8.12
N GLY A 116 -9.35 -17.97 -7.19
CA GLY A 116 -8.67 -19.24 -7.58
C GLY A 116 -7.53 -18.94 -8.54
N TYR A 117 -6.85 -17.80 -8.37
CA TYR A 117 -5.81 -17.43 -9.34
C TYR A 117 -4.52 -18.16 -9.09
N GLN A 118 -3.91 -18.64 -10.18
CA GLN A 118 -2.55 -19.27 -10.17
C GLN A 118 -1.63 -18.47 -11.05
N PRO A 119 -1.04 -17.40 -10.49
CA PRO A 119 -0.21 -16.54 -11.33
C PRO A 119 1.02 -17.31 -11.78
N ASP A 120 1.51 -16.95 -12.94
CA ASP A 120 2.77 -17.56 -13.40
C ASP A 120 3.95 -17.17 -12.53
N LYS A 121 3.98 -15.90 -12.12
CA LYS A 121 5.00 -15.44 -11.19
C LYS A 121 4.55 -15.70 -9.77
N HIS A 122 5.46 -16.06 -8.89
CA HIS A 122 5.10 -16.18 -7.45
C HIS A 122 4.71 -14.82 -6.87
N LEU A 123 3.57 -14.74 -6.19
CA LEU A 123 3.17 -13.49 -5.56
C LEU A 123 3.53 -13.45 -4.09
N ARG A 124 4.03 -12.28 -3.71
CA ARG A 124 4.41 -12.01 -2.29
C ARG A 124 3.91 -10.61 -1.94
N PHE A 125 3.13 -10.53 -0.88
CA PHE A 125 2.65 -9.24 -0.39
C PHE A 125 3.33 -8.88 0.92
N ALA A 126 3.47 -7.58 1.18
CA ALA A 126 4.17 -7.14 2.39
C ALA A 126 3.46 -5.96 3.03
N TRP A 127 3.43 -5.98 4.37
CA TRP A 127 2.97 -4.85 5.15
C TRP A 127 4.16 -4.43 6.02
N TRP A 128 4.62 -3.20 5.81
CA TRP A 128 5.87 -2.78 6.46
C TRP A 128 5.63 -2.06 7.79
N GLY A 129 6.48 -2.39 8.72
CA GLY A 129 6.51 -1.66 10.00
C GLY A 129 7.46 -0.47 9.93
N ALA A 130 7.23 0.48 10.84
CA ALA A 130 8.18 1.55 11.14
C ALA A 130 8.56 2.37 9.92
N GLU A 131 7.63 2.47 8.94
CA GLU A 131 7.94 3.37 7.84
C GLU A 131 8.06 4.80 8.32
N GLU A 132 7.27 5.20 9.30
CA GLU A 132 7.30 6.58 9.76
C GLU A 132 8.60 6.93 10.50
N LEU A 133 9.38 5.90 10.84
CA LEU A 133 10.67 6.16 11.48
C LEU A 133 11.75 6.36 10.43
N GLY A 134 11.45 6.24 9.13
CA GLY A 134 12.46 6.38 8.08
C GLY A 134 12.57 5.09 7.29
N LEU A 135 11.47 4.51 6.84
CA LEU A 135 11.49 3.31 5.98
C LEU A 135 12.18 2.15 6.70
N ILE A 136 12.08 2.06 8.03
CA ILE A 136 12.93 1.12 8.74
C ILE A 136 12.57 -0.31 8.42
N GLY A 137 11.28 -0.62 8.34
CA GLY A 137 10.87 -2.01 8.06
C GLY A 137 11.23 -2.47 6.67
N SER A 138 10.93 -1.64 5.64
CA SER A 138 11.29 -2.04 4.26
C SER A 138 12.79 -2.06 4.07
N LYS A 139 13.52 -1.14 4.71
CA LYS A 139 15.00 -1.26 4.64
C LYS A 139 15.43 -2.58 5.28
N PHE A 140 14.84 -2.93 6.42
CA PHE A 140 15.24 -4.18 7.07
C PHE A 140 14.99 -5.34 6.13
N TYR A 141 13.82 -5.38 5.50
CA TYR A 141 13.52 -6.48 4.58
C TYR A 141 14.56 -6.57 3.46
N VAL A 142 14.83 -5.43 2.79
CA VAL A 142 15.77 -5.48 1.66
C VAL A 142 17.17 -5.81 2.16
N ASN A 143 17.57 -5.26 3.29
CA ASN A 143 18.87 -5.52 3.83
C ASN A 143 19.08 -6.98 4.23
N ASN A 144 17.97 -7.68 4.53
CA ASN A 144 18.06 -9.07 4.97
C ASN A 144 17.60 -10.04 3.90
N LEU A 145 17.30 -9.55 2.69
CA LEU A 145 16.92 -10.43 1.62
C LEU A 145 18.21 -10.82 0.89
N PRO A 146 18.60 -12.09 0.86
CA PRO A 146 19.86 -12.46 0.21
C PRO A 146 19.89 -12.01 -1.25
N SER A 147 21.09 -11.73 -1.74
CA SER A 147 21.16 -11.24 -3.13
C SER A 147 20.55 -12.25 -4.07
N ALA A 148 20.65 -13.54 -3.82
CA ALA A 148 20.04 -14.49 -4.76
C ALA A 148 18.52 -14.36 -4.82
N ASP A 149 17.90 -14.02 -3.69
CA ASP A 149 16.45 -13.77 -3.70
C ASP A 149 16.09 -12.40 -4.24
N ARG A 150 16.95 -11.40 -4.00
CA ARG A 150 16.74 -10.10 -4.61
C ARG A 150 16.64 -10.21 -6.13
N SER A 151 17.52 -11.03 -6.73
CA SER A 151 17.53 -11.12 -8.17
C SER A 151 16.30 -11.83 -8.71
N LYS A 152 15.57 -12.55 -7.87
CA LYS A 152 14.35 -13.21 -8.32
C LYS A 152 13.19 -12.24 -8.35
N LEU A 153 13.29 -11.02 -7.82
CA LEU A 153 12.19 -10.08 -7.79
C LEU A 153 11.99 -9.43 -9.15
N ALA A 154 10.81 -9.64 -9.70
CA ALA A 154 10.39 -9.06 -10.94
C ALA A 154 9.95 -7.62 -10.75
N GLY A 155 9.48 -7.29 -9.57
CA GLY A 155 8.96 -5.93 -9.34
C GLY A 155 8.50 -5.82 -7.91
N TYR A 156 8.44 -4.57 -7.46
CA TYR A 156 7.85 -4.19 -6.17
C TYR A 156 6.86 -3.05 -6.46
N LEU A 157 5.59 -3.24 -6.09
CA LEU A 157 4.54 -2.23 -6.27
C LEU A 157 4.16 -1.64 -4.93
N ASN A 158 4.15 -0.31 -4.80
CA ASN A 158 3.95 0.28 -3.51
C ASN A 158 2.69 1.12 -3.49
N PHE A 159 1.96 1.04 -2.37
CA PHE A 159 0.69 1.77 -2.24
C PHE A 159 0.73 2.45 -0.87
N ASP A 160 0.95 3.76 -0.89
CA ASP A 160 1.09 4.57 0.31
C ASP A 160 0.34 5.89 0.13
N MET A 161 -0.82 6.01 0.79
CA MET A 161 -1.77 7.12 0.67
C MET A 161 -2.45 7.10 -0.68
N ILE A 162 -3.59 6.39 -0.72
CA ILE A 162 -4.30 6.25 -1.99
C ILE A 162 -5.77 6.60 -1.85
N GLY A 163 -6.16 7.19 -0.71
CA GLY A 163 -7.55 7.61 -0.49
C GLY A 163 -7.67 9.06 -0.10
N SER A 164 -6.74 9.91 -0.52
CA SER A 164 -6.76 11.31 -0.01
C SER A 164 -8.06 12.04 -0.31
N PRO A 165 -8.65 12.72 0.65
CA PRO A 165 -9.97 13.36 0.39
C PRO A 165 -10.07 14.40 -0.70
N ASN A 166 -8.96 14.98 -1.08
CA ASN A 166 -8.95 15.99 -2.16
C ASN A 166 -7.93 15.51 -3.18
N PRO A 167 -8.20 14.36 -3.81
CA PRO A 167 -7.12 13.57 -4.39
C PRO A 167 -6.63 14.11 -5.71
N GLY A 168 -5.36 13.79 -5.96
CA GLY A 168 -4.85 13.67 -7.30
C GLY A 168 -4.62 12.20 -7.58
N TYR A 169 -4.30 11.94 -8.85
CA TYR A 169 -4.06 10.56 -9.26
C TYR A 169 -2.63 10.52 -9.80
N PHE A 170 -1.73 10.14 -8.86
CA PHE A 170 -0.31 10.12 -9.23
C PHE A 170 0.15 8.68 -9.40
N VAL A 171 0.94 8.45 -10.45
CA VAL A 171 1.55 7.18 -10.74
C VAL A 171 3.05 7.34 -10.73
N TYR A 172 3.79 6.50 -10.02
CA TYR A 172 5.26 6.65 -9.97
C TYR A 172 5.83 6.54 -11.37
N ASP A 173 6.81 7.37 -11.67
CA ASP A 173 7.51 7.30 -12.97
C ASP A 173 8.83 6.56 -12.79
N ASP A 174 8.73 5.26 -12.50
CA ASP A 174 9.90 4.42 -12.26
C ASP A 174 9.98 3.35 -13.34
N ASP A 175 9.95 2.06 -13.05
CA ASP A 175 10.00 1.06 -14.12
C ASP A 175 8.96 1.31 -15.22
N PRO A 176 9.37 1.27 -16.49
CA PRO A 176 8.40 1.64 -17.54
C PRO A 176 7.27 0.66 -17.70
N VAL A 177 7.49 -0.63 -17.52
CA VAL A 177 6.40 -1.59 -17.73
C VAL A 177 5.41 -1.43 -16.60
N ILE A 178 5.88 -1.29 -15.35
CA ILE A 178 4.92 -1.11 -14.24
C ILE A 178 4.13 0.17 -14.44
N GLU A 179 4.77 1.28 -14.76
CA GLU A 179 4.08 2.56 -14.92
C GLU A 179 3.06 2.47 -16.02
N LYS A 180 3.43 1.85 -17.15
CA LYS A 180 2.47 1.72 -18.25
C LYS A 180 1.24 0.94 -17.82
N THR A 181 1.43 -0.11 -17.04
CA THR A 181 0.30 -0.91 -16.54
C THR A 181 -0.66 -0.09 -15.74
N PHE A 182 -0.17 0.73 -14.83
CA PHE A 182 -1.09 1.57 -14.03
C PHE A 182 -1.71 2.62 -14.92
N LYS A 183 -0.92 3.29 -15.75
CA LYS A 183 -1.54 4.33 -16.62
C LYS A 183 -2.56 3.73 -17.56
N ASN A 184 -2.37 2.51 -18.04
CA ASN A 184 -3.37 1.91 -18.93
C ASN A 184 -4.71 1.74 -18.18
N TYR A 185 -4.63 1.36 -16.90
CA TYR A 185 -5.88 1.15 -16.13
C TYR A 185 -6.65 2.46 -16.05
N PHE A 186 -5.95 3.53 -15.67
CA PHE A 186 -6.60 4.85 -15.57
C PHE A 186 -7.07 5.34 -16.93
N ALA A 187 -6.37 5.08 -18.01
CA ALA A 187 -6.87 5.43 -19.32
C ALA A 187 -8.20 4.76 -19.58
N GLY A 188 -8.40 3.50 -19.18
CA GLY A 188 -9.69 2.83 -19.39
C GLY A 188 -10.81 3.48 -18.59
N LEU A 189 -10.48 4.23 -17.54
CA LEU A 189 -11.47 4.96 -16.78
C LEU A 189 -11.65 6.37 -17.31
N ASN A 190 -10.83 6.80 -18.25
CA ASN A 190 -10.77 8.19 -18.67
C ASN A 190 -10.50 9.11 -17.50
N VAL A 191 -9.55 8.73 -16.65
CA VAL A 191 -9.10 9.55 -15.54
C VAL A 191 -7.63 9.87 -15.82
N PRO A 192 -7.28 11.15 -15.99
CA PRO A 192 -5.87 11.45 -16.26
C PRO A 192 -5.02 11.20 -15.02
N THR A 193 -3.73 10.95 -15.25
CA THR A 193 -2.80 10.78 -14.14
C THR A 193 -1.63 11.75 -14.34
N GLU A 194 -0.90 11.99 -13.24
CA GLU A 194 0.34 12.77 -13.33
C GLU A 194 1.46 11.98 -12.66
N ILE A 195 2.67 12.28 -13.06
CA ILE A 195 3.87 11.73 -12.47
C ILE A 195 3.94 12.17 -11.03
N GLU A 196 4.32 11.17 -10.20
CA GLU A 196 4.52 11.44 -8.80
C GLU A 196 5.79 12.29 -8.65
N THR A 197 5.70 13.39 -7.93
CA THR A 197 6.89 14.13 -7.52
C THR A 197 6.87 14.57 -6.05
N GLU A 198 5.65 14.80 -5.51
CA GLU A 198 5.45 15.27 -4.15
C GLU A 198 6.30 14.40 -3.24
N GLY A 199 6.18 13.09 -3.51
CA GLY A 199 6.88 12.24 -2.59
C GLY A 199 8.38 12.19 -2.85
N ARG A 202 10.32 8.93 -0.94
CA ARG A 202 10.11 8.84 0.49
C ARG A 202 8.97 7.87 0.83
N SER A 203 9.04 6.65 0.31
CA SER A 203 8.18 5.59 0.78
C SER A 203 8.90 4.27 0.56
N ASP A 204 8.22 3.16 0.86
CA ASP A 204 8.89 1.88 1.00
C ASP A 204 9.37 1.26 -0.29
N HIS A 205 9.03 1.85 -1.45
CA HIS A 205 9.69 1.38 -2.67
C HIS A 205 11.15 1.80 -2.74
N ALA A 206 11.57 2.83 -1.99
CA ALA A 206 12.94 3.34 -2.16
C ALA A 206 14.00 2.27 -1.88
N PRO A 207 13.94 1.48 -0.81
CA PRO A 207 15.02 0.49 -0.63
C PRO A 207 15.09 -0.55 -1.74
N PHE A 208 13.95 -0.90 -2.37
CA PHE A 208 13.96 -1.80 -3.50
C PHE A 208 14.53 -1.10 -4.74
N LYS A 209 14.08 0.11 -5.02
CA LYS A 209 14.56 0.86 -6.18
C LYS A 209 16.06 1.01 -6.10
N ASN A 210 16.55 1.27 -4.89
CA ASN A 210 17.97 1.57 -4.76
C ASN A 210 18.87 0.35 -4.95
N VAL A 211 18.32 -0.87 -4.94
CA VAL A 211 19.12 -2.07 -5.26
C VAL A 211 18.71 -2.68 -6.59
N GLY A 212 18.03 -1.87 -7.43
CA GLY A 212 17.79 -2.24 -8.81
C GLY A 212 16.56 -3.10 -9.04
N VAL A 213 15.68 -3.24 -8.04
CA VAL A 213 14.45 -3.98 -8.28
C VAL A 213 13.48 -3.06 -9.03
N PRO A 214 12.81 -3.44 -10.10
CA PRO A 214 11.85 -2.55 -10.75
C PRO A 214 10.76 -2.16 -9.76
N VAL A 215 10.40 -0.88 -9.70
CA VAL A 215 9.33 -0.47 -8.78
C VAL A 215 8.30 0.40 -9.51
N GLY A 216 7.14 0.52 -8.86
CA GLY A 216 6.12 1.50 -9.28
C GLY A 216 5.11 1.62 -8.14
N GLY A 217 4.08 2.45 -8.38
CA GLY A 217 3.11 2.63 -7.33
C GLY A 217 2.12 3.75 -7.65
N LEU A 218 1.22 3.95 -6.71
CA LEU A 218 0.13 4.89 -6.83
C LEU A 218 0.10 5.79 -5.58
N PHE A 219 -0.30 7.04 -5.75
CA PHE A 219 -0.34 8.03 -4.63
C PHE A 219 -1.41 9.08 -4.93
N THR A 220 -2.14 9.53 -3.89
CA THR A 220 -3.15 10.55 -4.17
C THR A 220 -2.84 11.87 -3.55
N GLY A 221 -1.64 12.06 -2.99
CA GLY A 221 -1.18 13.35 -2.49
C GLY A 221 -1.30 13.46 -0.99
N ALA A 222 -0.42 14.32 -0.42
CA ALA A 222 -0.36 14.49 1.03
C ALA A 222 -0.47 15.96 1.36
N GLY A 223 0.52 16.59 1.96
CA GLY A 223 0.39 17.96 2.41
C GLY A 223 0.49 19.04 1.38
N TYR A 224 0.94 18.71 0.16
CA TYR A 224 1.03 19.76 -0.85
C TYR A 224 -0.35 20.23 -1.26
N THR A 225 -0.46 21.42 -1.79
CA THR A 225 -1.71 22.01 -2.18
C THR A 225 -2.14 21.62 -3.57
N LYS A 226 -3.38 21.27 -3.79
CA LYS A 226 -3.90 20.98 -5.14
C LYS A 226 -3.93 22.25 -5.94
N SER A 227 -3.41 22.23 -7.17
CA SER A 227 -3.39 23.43 -7.97
C SER A 227 -4.71 23.64 -8.68
N ALA A 228 -4.92 24.85 -9.21
CA ALA A 228 -6.04 25.15 -10.05
C ALA A 228 -6.14 24.13 -11.18
N ALA A 229 -5.03 23.83 -11.86
CA ALA A 229 -5.08 22.90 -12.99
C ALA A 229 -5.45 21.50 -12.55
N GLN A 230 -4.96 21.06 -11.40
CA GLN A 230 -5.31 19.72 -10.92
C GLN A 230 -6.76 19.64 -10.50
N ALA A 231 -7.32 20.71 -9.91
CA ALA A 231 -8.75 20.68 -9.63
C ALA A 231 -9.55 20.65 -10.92
N GLN A 232 -9.08 21.30 -11.98
CA GLN A 232 -9.85 21.21 -13.20
C GLN A 232 -9.83 19.80 -13.72
N LYS A 233 -8.72 19.07 -13.57
CA LYS A 233 -8.71 17.72 -14.18
C LYS A 233 -9.39 16.71 -13.26
N TRP A 234 -9.35 16.88 -11.94
CA TRP A 234 -9.80 15.84 -11.01
C TRP A 234 -10.94 16.26 -10.10
N GLY A 235 -11.39 17.51 -10.14
CA GLY A 235 -12.29 18.06 -9.15
C GLY A 235 -11.64 18.31 -7.80
N GLY A 236 -12.50 18.47 -6.78
CA GLY A 236 -12.07 18.81 -5.43
C GLY A 236 -11.83 20.30 -5.25
N THR A 237 -10.83 20.66 -4.49
CA THR A 237 -10.68 22.05 -4.05
C THR A 237 -9.28 22.55 -4.31
N ALA A 238 -9.14 23.44 -5.26
CA ALA A 238 -7.87 24.11 -5.53
C ALA A 238 -7.49 24.87 -4.27
N GLY A 239 -6.20 24.89 -3.94
CA GLY A 239 -5.70 25.68 -2.83
C GLY A 239 -5.81 24.97 -1.49
N GLN A 240 -6.37 23.76 -1.46
CA GLN A 240 -6.37 22.95 -0.23
C GLN A 240 -5.41 21.79 -0.41
N ALA A 241 -4.80 21.32 0.68
CA ALA A 241 -3.99 20.11 0.62
C ALA A 241 -4.75 18.94 0.03
N PHE A 242 -4.02 18.02 -0.62
CA PHE A 242 -4.63 16.75 -1.01
C PHE A 242 -5.17 16.02 0.21
N ASP A 243 -4.39 16.09 1.30
CA ASP A 243 -4.82 15.48 2.56
C ASP A 243 -4.60 16.53 3.64
N ARG A 244 -5.69 17.17 4.04
CA ARG A 244 -5.71 18.15 5.10
C ARG A 244 -5.48 17.57 6.48
N CYS A 245 -5.43 16.25 6.57
CA CYS A 245 -5.27 15.60 7.86
C CYS A 245 -4.03 14.75 7.90
N TYR A 246 -3.08 15.01 7.01
CA TYR A 246 -1.83 14.29 6.94
C TYR A 246 -1.14 14.31 8.29
N HIS A 247 -0.81 13.13 8.83
CA HIS A 247 -0.10 12.97 10.09
C HIS A 247 -0.84 13.59 11.26
N SER A 248 -2.17 13.73 11.13
CA SER A 248 -2.99 14.41 12.14
C SER A 248 -3.91 13.45 12.86
N SER A 249 -4.43 13.94 14.00
CA SER A 249 -5.41 13.14 14.70
C SER A 249 -6.66 12.98 13.84
N CYS A 250 -6.89 13.86 12.87
CA CYS A 250 -8.09 13.75 12.01
C CYS A 250 -7.87 12.83 10.81
N ASP A 251 -6.76 12.07 10.75
CA ASP A 251 -6.64 11.04 9.71
C ASP A 251 -7.37 9.79 10.15
N SER A 252 -8.69 9.99 10.12
CA SER A 252 -9.72 9.05 10.58
C SER A 252 -10.51 8.44 9.45
N LEU A 253 -11.57 7.69 9.77
CA LEU A 253 -12.42 7.13 8.73
C LEU A 253 -12.98 8.24 7.87
N SER A 254 -13.13 9.46 8.40
CA SER A 254 -13.71 10.54 7.57
C SER A 254 -12.71 11.08 6.57
N ASN A 255 -11.46 10.70 6.67
CA ASN A 255 -10.38 11.27 5.85
C ASN A 255 -10.10 10.40 4.62
N ILE A 256 -11.14 9.98 3.96
CA ILE A 256 -11.02 9.13 2.78
C ILE A 256 -11.92 9.65 1.67
N ASN A 257 -11.42 9.69 0.45
CA ASN A 257 -12.27 9.90 -0.76
C ASN A 257 -12.56 8.52 -1.29
N ASP A 258 -13.80 8.08 -1.26
CA ASP A 258 -14.17 6.73 -1.70
C ASP A 258 -13.83 6.45 -3.14
N THR A 259 -14.05 7.44 -3.99
CA THR A 259 -13.75 7.22 -5.42
C THR A 259 -12.28 6.93 -5.63
N ALA A 260 -11.40 7.71 -5.00
CA ALA A 260 -9.97 7.45 -5.19
C ALA A 260 -9.56 6.12 -4.58
N LEU A 261 -10.13 5.81 -3.40
CA LEU A 261 -9.77 4.53 -2.80
C LEU A 261 -10.17 3.38 -3.71
N ASP A 262 -11.38 3.50 -4.28
CA ASP A 262 -11.89 2.44 -5.16
C ASP A 262 -11.05 2.27 -6.42
N ARG A 263 -10.82 3.40 -7.11
CA ARG A 263 -10.01 3.35 -8.33
C ARG A 263 -8.62 2.83 -8.09
N ASN A 264 -7.97 3.32 -7.00
CA ASN A 264 -6.60 2.85 -6.77
C ASN A 264 -6.56 1.41 -6.32
N SER A 265 -7.56 0.94 -5.59
CA SER A 265 -7.62 -0.48 -5.23
C SER A 265 -7.81 -1.34 -6.44
N ASP A 266 -8.73 -0.94 -7.33
CA ASP A 266 -8.93 -1.67 -8.58
C ASP A 266 -7.67 -1.64 -9.46
N ALA A 267 -6.99 -0.51 -9.50
CA ALA A 267 -5.76 -0.40 -10.30
C ALA A 267 -4.67 -1.30 -9.72
N ALA A 268 -4.58 -1.37 -8.38
CA ALA A 268 -3.62 -2.30 -7.74
C ALA A 268 -3.86 -3.74 -8.22
N ALA A 269 -5.10 -4.22 -8.19
CA ALA A 269 -5.42 -5.59 -8.62
C ALA A 269 -5.14 -5.76 -10.10
N HIS A 270 -5.49 -4.75 -10.91
CA HIS A 270 -5.20 -4.83 -12.34
C HIS A 270 -3.72 -5.05 -12.59
N ALA A 271 -2.90 -4.24 -11.91
CA ALA A 271 -1.45 -4.31 -12.16
C ALA A 271 -0.88 -5.62 -11.65
N ILE A 272 -1.33 -6.07 -10.46
CA ILE A 272 -0.81 -7.34 -9.92
C ILE A 272 -1.18 -8.49 -10.84
N TRP A 273 -2.42 -8.56 -11.39
CA TRP A 273 -2.75 -9.64 -12.32
C TRP A 273 -1.92 -9.54 -13.60
N THR A 274 -1.86 -8.34 -14.19
CA THR A 274 -1.20 -8.14 -15.48
C THR A 274 0.26 -8.49 -15.38
N LEU A 275 0.93 -8.03 -14.31
CA LEU A 275 2.39 -8.21 -14.18
C LEU A 275 2.76 -9.59 -13.66
N SER A 276 1.82 -10.41 -13.22
CA SER A 276 2.17 -11.73 -12.73
C SER A 276 1.90 -12.83 -13.72
N SER A 277 1.37 -12.51 -14.88
CA SER A 277 1.12 -13.55 -15.87
C SER A 277 0.99 -12.88 -17.23
#